data_7Q6L
#
_entry.id   7Q6L
#
_entity_poly.entity_id   1
_entity_poly.type   'polyribonucleotide'
_entity_poly.pdbx_seq_one_letter_code
;GGGCCAUAGGGUGGGAUCUGGG
;
_entity_poly.pdbx_strand_id   A
#